data_6NOA
#
_entry.id   6NOA
#
_entity_poly.entity_id   1
_entity_poly.type   'polyribonucleotide'
_entity_poly.pdbx_seq_one_letter_code
;GGCAGUAUAGUCCGAACUGCAAAUCUUAUUUUCUUUUCACCUUCUCUCUAACUGCC
;
_entity_poly.pdbx_strand_id   A
#